data_6ZXI
#
_entry.id   6ZXI
#
_cell.length_a   44.798
_cell.length_b   105.106
_cell.length_c   125.426
_cell.angle_alpha   90.000
_cell.angle_beta   90.000
_cell.angle_gamma   90.000
#
_symmetry.space_group_name_H-M   'P 2 21 21'
#
loop_
_entity.id
_entity.type
_entity.pdbx_description
1 polymer Beta-lactamase
2 non-polymer '[[(3~{R},6~{R})-6-fluoranyl-1-methanoyl-piperidin-3-yl]amino] hydrogen sulfate'
3 non-polymer 1,2-ETHANEDIOL
4 non-polymer 'CARBON DIOXIDE'
5 non-polymer 'CHLORIDE ION'
6 water water
#
_entity_poly.entity_id   1
_entity_poly.type   'polypeptide(L)'
_entity_poly.pdbx_seq_one_letter_code
;MRVLALSAVFLVASIIGMPAVAKEWQENKSWNAHFTEHKSQGVVVLWNENKQQGFTNNLKRANQAFLPASTFKIPNSLIA
LDLGVVKDEHQVFKWDGQTRDIATWNRDHNLITAMKYSVVPVYQEFARQIGEARMSKMLHAFDYGNEDISGNVDSFWLDG
GIRISATEQISFLRKLYHNKLHVSERSQRIVKQAMLTEANGDYIIRAKTGYSTRIEPKIGWWVGWVELDDNVWFFAMNMD
MPTSDGLGLRQAITKEVLKQEKIIP
;
_entity_poly.pdbx_strand_id   A,B
#
loop_
_chem_comp.id
_chem_comp.type
_chem_comp.name
_chem_comp.formula
CL non-polymer 'CHLORIDE ION' 'Cl -1'
CO2 non-polymer 'CARBON DIOXIDE' 'C O2'
EDO non-polymer 1,2-ETHANEDIOL 'C2 H6 O2'
QS8 non-polymer '[[(3~{R},6~{R})-6-fluoranyl-1-methanoyl-piperidin-3-yl]amino] hydrogen sulfate' 'C6 H11 F N2 O5 S'
#
# COMPACT_ATOMS: atom_id res chain seq x y z
N LYS A 23 3.97 -32.62 0.70
CA LYS A 23 3.65 -32.46 2.15
C LYS A 23 2.97 -31.10 2.38
N GLU A 24 2.14 -30.99 3.42
CA GLU A 24 1.43 -29.73 3.78
C GLU A 24 2.41 -28.79 4.50
N TRP A 25 3.16 -29.31 5.48
CA TRP A 25 4.28 -28.59 6.14
C TRP A 25 5.62 -29.24 5.78
N GLN A 26 6.59 -28.43 5.37
CA GLN A 26 7.93 -28.89 4.99
C GLN A 26 8.95 -28.20 5.90
N GLU A 27 9.84 -28.98 6.54
CA GLU A 27 10.98 -28.41 7.30
C GLU A 27 12.19 -28.32 6.36
N ASN A 28 12.80 -27.15 6.28
N ASN A 28 12.78 -27.13 6.26
CA ASN A 28 14.00 -26.85 5.45
CA ASN A 28 13.98 -26.80 5.45
C ASN A 28 15.11 -26.35 6.39
C ASN A 28 15.09 -26.35 6.41
N LYS A 29 15.90 -27.28 6.93
CA LYS A 29 16.99 -26.95 7.89
C LYS A 29 18.10 -26.14 7.22
N SER A 30 18.20 -26.18 5.89
CA SER A 30 19.16 -25.37 5.10
C SER A 30 19.01 -23.88 5.46
N TRP A 31 17.82 -23.42 5.86
CA TRP A 31 17.58 -22.00 6.25
C TRP A 31 18.33 -21.68 7.53
N ASN A 32 18.69 -22.68 8.34
CA ASN A 32 19.41 -22.44 9.62
C ASN A 32 20.72 -21.69 9.37
N ALA A 33 21.36 -21.91 8.22
CA ALA A 33 22.58 -21.17 7.81
C ALA A 33 22.36 -19.65 7.88
N HIS A 34 21.19 -19.15 7.50
CA HIS A 34 20.91 -17.68 7.54
C HIS A 34 20.92 -17.19 9.00
N PHE A 35 20.52 -18.03 9.97
CA PHE A 35 20.63 -17.66 11.41
C PHE A 35 22.09 -17.82 11.90
N THR A 36 22.69 -18.98 11.65
CA THR A 36 24.02 -19.32 12.24
C THR A 36 25.08 -18.37 11.66
N GLU A 37 24.94 -17.96 10.40
CA GLU A 37 25.87 -17.02 9.71
C GLU A 37 25.94 -15.71 10.49
N HIS A 38 24.90 -15.37 11.27
CA HIS A 38 24.85 -14.14 12.10
C HIS A 38 24.94 -14.49 13.59
N LYS A 39 25.40 -15.69 13.94
CA LYS A 39 25.44 -16.14 15.37
C LYS A 39 24.07 -15.88 16.02
N SER A 40 23.00 -16.26 15.34
CA SER A 40 21.61 -16.03 15.78
C SER A 40 20.90 -17.38 15.89
N GLN A 41 19.74 -17.39 16.52
CA GLN A 41 18.83 -18.55 16.51
C GLN A 41 17.40 -18.02 16.38
N GLY A 42 16.59 -18.71 15.61
CA GLY A 42 15.18 -18.33 15.44
C GLY A 42 14.49 -19.17 14.43
N VAL A 43 13.31 -18.74 14.02
CA VAL A 43 12.45 -19.48 13.08
C VAL A 43 11.93 -18.48 12.06
N VAL A 44 11.86 -18.92 10.82
CA VAL A 44 11.07 -18.29 9.74
C VAL A 44 10.01 -19.31 9.37
N VAL A 45 8.78 -18.86 9.28
CA VAL A 45 7.64 -19.65 8.76
C VAL A 45 7.13 -18.93 7.52
N LEU A 46 6.99 -19.66 6.43
CA LEU A 46 6.38 -19.18 5.18
C LEU A 46 5.14 -20.02 4.86
N TRP A 47 4.16 -19.38 4.25
CA TRP A 47 2.90 -20.04 3.82
C TRP A 47 2.59 -19.57 2.41
N ASN A 48 2.61 -20.53 1.49
CA ASN A 48 2.30 -20.33 0.06
C ASN A 48 0.78 -20.41 -0.09
N GLU A 49 0.13 -19.28 -0.32
CA GLU A 49 -1.36 -19.21 -0.26
C GLU A 49 -1.98 -20.01 -1.42
N ASN A 50 -1.44 -19.87 -2.62
CA ASN A 50 -1.99 -20.60 -3.80
C ASN A 50 -1.88 -22.12 -3.56
N LYS A 51 -0.75 -22.63 -3.08
CA LYS A 51 -0.52 -24.10 -2.92
C LYS A 51 -1.04 -24.60 -1.56
N GLN A 52 -1.35 -23.71 -0.61
CA GLN A 52 -1.80 -24.11 0.74
C GLN A 52 -0.68 -24.97 1.37
N GLN A 53 0.57 -24.53 1.23
CA GLN A 53 1.78 -25.27 1.69
C GLN A 53 2.65 -24.35 2.56
N GLY A 54 3.10 -24.87 3.68
CA GLY A 54 3.97 -24.15 4.62
C GLY A 54 5.36 -24.71 4.65
N PHE A 55 6.30 -23.88 5.07
CA PHE A 55 7.75 -24.15 5.08
C PHE A 55 8.32 -23.52 6.32
N THR A 56 9.24 -24.19 7.01
CA THR A 56 9.94 -23.57 8.15
C THR A 56 11.30 -24.24 8.35
N ASN A 57 12.23 -23.56 9.02
CA ASN A 57 13.56 -24.15 9.36
C ASN A 57 13.43 -24.99 10.64
N ASN A 58 12.36 -24.82 11.42
CA ASN A 58 12.26 -25.38 12.79
C ASN A 58 10.79 -25.57 13.16
N LEU A 59 10.23 -26.75 12.92
CA LEU A 59 8.78 -27.03 13.10
C LEU A 59 8.38 -26.78 14.56
N LYS A 60 9.22 -27.15 15.52
CA LYS A 60 8.91 -27.01 16.97
CA LYS A 60 8.83 -27.01 16.94
C LYS A 60 8.86 -25.52 17.32
N ARG A 61 9.88 -24.76 16.93
CA ARG A 61 9.89 -23.31 17.27
C ARG A 61 8.80 -22.59 16.46
N ALA A 62 8.41 -23.07 15.28
CA ALA A 62 7.32 -22.45 14.50
C ALA A 62 6.05 -22.45 15.35
N ASN A 63 5.92 -23.45 16.24
CA ASN A 63 4.69 -23.63 17.05
C ASN A 63 4.91 -23.17 18.48
N GLN A 64 6.04 -22.57 18.82
CA GLN A 64 6.27 -22.06 20.16
C GLN A 64 5.62 -20.69 20.33
N ALA A 65 4.89 -20.46 21.41
CA ALA A 65 4.13 -19.21 21.65
C ALA A 65 4.99 -18.24 22.44
N PHE A 66 5.08 -17.00 22.01
CA PHE A 66 5.83 -15.93 22.69
C PHE A 66 4.91 -14.73 22.90
N LEU A 67 5.31 -13.79 23.75
CA LEU A 67 4.68 -12.47 23.84
C LEU A 67 4.77 -11.83 22.44
N PRO A 68 3.68 -11.26 21.94
CA PRO A 68 3.66 -10.65 20.60
C PRO A 68 4.36 -9.31 20.55
N ALA A 69 4.50 -8.63 21.70
CA ALA A 69 5.06 -7.26 21.77
C ALA A 69 4.38 -6.43 20.67
N SER A 70 5.13 -5.66 19.90
CA SER A 70 4.57 -4.62 18.98
C SER A 70 3.82 -5.26 17.83
N THR A 71 3.91 -6.57 17.62
CA THR A 71 3.09 -7.19 16.54
C THR A 71 1.62 -7.14 16.99
N PHE A 72 1.37 -6.91 18.28
CA PHE A 72 -0.02 -6.78 18.81
C PHE A 72 -0.66 -5.46 18.32
N LYS A 73 0.13 -4.54 17.77
CA LYS A 73 -0.47 -3.31 17.17
C LYS A 73 -1.41 -3.69 16.01
N ILE A 74 -1.23 -4.86 15.36
CA ILE A 74 -2.22 -5.24 14.31
C ILE A 74 -3.60 -5.44 14.93
N PRO A 75 -3.81 -6.40 15.85
CA PRO A 75 -5.14 -6.64 16.40
C PRO A 75 -5.66 -5.42 17.17
N ASN A 76 -4.78 -4.72 17.87
CA ASN A 76 -5.14 -3.50 18.69
C ASN A 76 -5.72 -2.43 17.73
N SER A 77 -5.07 -2.19 16.59
CA SER A 77 -5.54 -1.21 15.56
C SER A 77 -6.92 -1.64 15.07
N LEU A 78 -7.07 -2.94 14.80
CA LEU A 78 -8.32 -3.47 14.23
C LEU A 78 -9.47 -3.22 15.19
N ILE A 79 -9.26 -3.60 16.46
CA ILE A 79 -10.29 -3.45 17.52
C ILE A 79 -10.60 -1.96 17.71
N ALA A 80 -9.59 -1.11 17.81
CA ALA A 80 -9.76 0.33 18.03
C ALA A 80 -10.62 0.90 16.88
N LEU A 81 -10.36 0.46 15.63
CA LEU A 81 -11.11 0.95 14.45
C LEU A 81 -12.56 0.46 14.53
N ASP A 82 -12.74 -0.83 14.80
CA ASP A 82 -14.10 -1.44 14.71
C ASP A 82 -14.97 -0.84 15.82
N LEU A 83 -14.41 -0.48 16.96
CA LEU A 83 -15.17 0.14 18.07
C LEU A 83 -15.29 1.66 17.92
N GLY A 84 -14.66 2.29 16.92
CA GLY A 84 -14.74 3.76 16.76
C GLY A 84 -13.85 4.48 17.73
N VAL A 85 -13.01 3.78 18.51
CA VAL A 85 -11.92 4.41 19.32
C VAL A 85 -11.02 5.21 18.37
N VAL A 86 -10.73 4.64 17.21
CA VAL A 86 -10.03 5.34 16.10
C VAL A 86 -11.08 5.55 15.02
N LYS A 87 -11.26 6.80 14.59
CA LYS A 87 -12.25 7.11 13.55
C LYS A 87 -11.72 6.66 12.18
N ASP A 88 -10.48 7.03 11.86
CA ASP A 88 -9.85 6.70 10.55
C ASP A 88 -8.36 6.91 10.64
N GLU A 89 -7.66 6.66 9.54
CA GLU A 89 -6.18 6.69 9.55
C GLU A 89 -5.68 8.15 9.59
N HIS A 90 -6.55 9.16 9.56
CA HIS A 90 -6.16 10.59 9.58
C HIS A 90 -6.26 11.17 10.99
N GLN A 91 -7.10 10.60 11.86
CA GLN A 91 -7.34 11.13 13.23
C GLN A 91 -6.01 11.33 13.95
N VAL A 92 -5.82 12.48 14.58
CA VAL A 92 -4.52 12.87 15.18
C VAL A 92 -4.56 12.49 16.65
N PHE A 93 -3.53 11.80 17.12
CA PHE A 93 -3.34 11.44 18.55
C PHE A 93 -2.24 12.36 19.08
N LYS A 94 -2.66 13.33 19.90
CA LYS A 94 -1.81 14.41 20.47
C LYS A 94 -0.70 13.80 21.33
N TRP A 95 0.54 14.23 21.16
CA TRP A 95 1.64 13.91 22.13
C TRP A 95 1.15 14.21 23.56
N ASP A 96 1.44 13.33 24.52
CA ASP A 96 1.07 13.52 25.96
C ASP A 96 2.03 14.49 26.67
N GLY A 97 3.02 15.06 25.99
CA GLY A 97 4.00 15.99 26.61
C GLY A 97 5.13 15.29 27.38
N GLN A 98 4.95 14.02 27.79
CA GLN A 98 6.02 13.19 28.40
C GLN A 98 7.04 12.83 27.33
N THR A 99 8.28 13.33 27.45
CA THR A 99 9.36 13.13 26.44
C THR A 99 10.00 11.77 26.74
N ARG A 100 10.23 10.94 25.71
CA ARG A 100 10.59 9.50 25.88
C ARG A 100 11.85 9.20 25.07
N ASP A 101 12.43 8.01 25.29
CA ASP A 101 13.72 7.54 24.71
C ASP A 101 13.73 7.76 23.20
N ILE A 102 12.71 7.28 22.49
CA ILE A 102 12.69 7.25 21.00
C ILE A 102 12.08 8.59 20.53
N ALA A 103 12.89 9.39 19.83
CA ALA A 103 12.58 10.79 19.43
C ALA A 103 11.24 10.84 18.68
N THR A 104 11.05 9.94 17.69
CA THR A 104 9.84 9.92 16.80
C THR A 104 8.56 9.78 17.62
N TRP A 105 8.62 9.33 18.86
CA TRP A 105 7.44 9.20 19.77
C TRP A 105 7.03 10.57 20.36
N ASN A 106 7.90 11.58 20.34
CA ASN A 106 7.66 12.87 21.06
C ASN A 106 7.05 13.88 20.09
N ARG A 107 5.87 13.52 19.56
CA ARG A 107 5.15 14.28 18.51
C ARG A 107 3.73 13.71 18.34
N ASP A 108 2.92 14.42 17.56
CA ASP A 108 1.56 13.95 17.21
C ASP A 108 1.74 12.83 16.18
N HIS A 109 0.74 11.96 16.13
CA HIS A 109 0.71 10.79 15.23
C HIS A 109 -0.71 10.55 14.75
N ASN A 110 -0.80 9.83 13.65
CA ASN A 110 -2.07 9.23 13.17
C ASN A 110 -1.84 7.71 13.12
N LEU A 111 -2.84 6.93 12.71
CA LEU A 111 -2.68 5.45 12.69
C LEU A 111 -1.49 5.05 11.82
N ILE A 112 -1.25 5.74 10.70
CA ILE A 112 -0.15 5.34 9.77
C ILE A 112 1.20 5.53 10.46
N THR A 113 1.43 6.71 11.05
CA THR A 113 2.77 7.01 11.62
C THR A 113 2.94 6.23 12.95
N ALA A 114 1.86 6.03 13.70
CA ALA A 114 1.87 5.26 14.98
C ALA A 114 2.33 3.81 14.71
N MET A 115 1.88 3.24 13.60
CA MET A 115 2.30 1.88 13.20
C MET A 115 3.76 1.93 12.74
N LYS A 116 4.09 2.88 11.89
CA LYS A 116 5.40 2.94 11.22
C LYS A 116 6.50 3.04 12.27
N TYR A 117 6.27 3.88 13.28
CA TYR A 117 7.24 4.21 14.37
C TYR A 117 6.89 3.46 15.64
N SER A 118 5.91 2.55 15.56
CA SER A 118 5.59 1.58 16.66
C SER A 118 5.43 2.38 17.98
N VAL A 119 4.53 3.35 17.97
CA VAL A 119 4.45 4.38 19.05
C VAL A 119 3.63 3.83 20.23
N VAL A 120 4.35 3.39 21.25
CA VAL A 120 3.79 2.65 22.41
C VAL A 120 2.68 3.46 23.06
N PRO A 121 2.93 4.72 23.50
CA PRO A 121 1.93 5.48 24.24
C PRO A 121 0.57 5.59 23.56
N VAL A 122 0.54 5.69 22.23
CA VAL A 122 -0.72 5.79 21.46
C VAL A 122 -1.54 4.50 21.64
N TYR A 123 -0.88 3.35 21.54
CA TYR A 123 -1.52 2.01 21.61
C TYR A 123 -1.91 1.67 23.07
N GLN A 124 -1.16 2.17 24.06
CA GLN A 124 -1.58 2.06 25.49
C GLN A 124 -2.94 2.77 25.68
N GLU A 125 -3.10 3.97 25.09
CA GLU A 125 -4.37 4.72 25.19
C GLU A 125 -5.47 3.96 24.44
N PHE A 126 -5.20 3.42 23.25
CA PHE A 126 -6.25 2.61 22.55
C PHE A 126 -6.72 1.50 23.50
N ALA A 127 -5.78 0.80 24.13
CA ALA A 127 -6.08 -0.40 24.95
C ALA A 127 -6.95 0.01 26.14
N ARG A 128 -6.61 1.14 26.77
CA ARG A 128 -7.40 1.65 27.92
C ARG A 128 -8.82 1.96 27.44
N GLN A 129 -8.97 2.59 26.26
CA GLN A 129 -10.32 2.98 25.77
C GLN A 129 -11.10 1.75 25.31
N ILE A 130 -10.40 0.74 24.76
CA ILE A 130 -11.09 -0.52 24.40
C ILE A 130 -11.57 -1.15 25.70
N GLY A 131 -10.68 -1.19 26.69
CA GLY A 131 -10.94 -1.79 28.01
C GLY A 131 -10.85 -3.30 28.03
N GLU A 132 -10.69 -3.84 29.25
CA GLU A 132 -10.42 -5.28 29.54
C GLU A 132 -11.46 -6.18 28.85
N ALA A 133 -12.74 -5.91 29.00
CA ALA A 133 -13.80 -6.87 28.62
C ALA A 133 -13.86 -6.95 27.09
N ARG A 134 -13.87 -5.81 26.40
CA ARG A 134 -13.96 -5.79 24.92
C ARG A 134 -12.67 -6.38 24.33
N MET A 135 -11.51 -6.15 24.93
CA MET A 135 -10.20 -6.64 24.40
C MET A 135 -10.24 -8.19 24.43
N SER A 136 -10.67 -8.76 25.56
CA SER A 136 -10.73 -10.21 25.79
C SER A 136 -11.71 -10.85 24.83
N LYS A 137 -12.90 -10.27 24.70
CA LYS A 137 -13.90 -10.80 23.73
C LYS A 137 -13.34 -10.77 22.30
N MET A 138 -12.74 -9.68 21.87
CA MET A 138 -12.24 -9.49 20.48
CA MET A 138 -12.30 -9.54 20.45
C MET A 138 -11.14 -10.52 20.16
N LEU A 139 -10.22 -10.72 21.08
CA LEU A 139 -9.11 -11.71 20.88
C LEU A 139 -9.68 -13.13 20.78
N HIS A 140 -10.74 -13.44 21.52
CA HIS A 140 -11.47 -14.72 21.34
C HIS A 140 -12.11 -14.75 19.96
N ALA A 141 -12.82 -13.69 19.56
CA ALA A 141 -13.41 -13.63 18.18
C ALA A 141 -12.31 -13.84 17.13
N PHE A 142 -11.09 -13.29 17.32
CA PHE A 142 -9.96 -13.42 16.36
C PHE A 142 -9.26 -14.78 16.43
N ASP A 143 -9.55 -15.61 17.45
CA ASP A 143 -8.85 -16.89 17.68
C ASP A 143 -7.35 -16.57 17.83
N TYR A 144 -7.03 -15.46 18.51
CA TYR A 144 -5.68 -14.87 18.57
C TYR A 144 -4.84 -15.53 19.65
N GLY A 145 -3.89 -16.38 19.24
CA GLY A 145 -2.90 -16.95 20.17
C GLY A 145 -3.60 -17.73 21.28
N ASN A 146 -3.14 -17.58 22.52
CA ASN A 146 -3.79 -18.24 23.67
C ASN A 146 -4.95 -17.38 24.18
N GLU A 147 -5.23 -16.20 23.59
CA GLU A 147 -6.45 -15.40 23.87
C GLU A 147 -6.50 -14.90 25.32
N ASP A 148 -5.36 -14.91 26.01
CA ASP A 148 -5.23 -14.60 27.45
C ASP A 148 -4.73 -13.15 27.61
N ILE A 149 -5.53 -12.24 28.13
CA ILE A 149 -5.06 -10.84 28.25
C ILE A 149 -4.70 -10.52 29.70
N SER A 150 -4.58 -11.52 30.57
CA SER A 150 -4.13 -11.35 31.97
C SER A 150 -2.98 -10.35 32.07
N GLY A 151 -3.14 -9.41 32.96
CA GLY A 151 -2.09 -8.46 33.37
C GLY A 151 -2.63 -7.06 33.18
N ASN A 152 -1.77 -6.09 32.94
CA ASN A 152 -2.21 -4.67 32.78
C ASN A 152 -2.88 -4.51 31.41
N VAL A 153 -4.10 -3.97 31.35
CA VAL A 153 -4.83 -3.73 30.08
C VAL A 153 -3.97 -2.95 29.06
N ASP A 154 -3.00 -2.13 29.51
CA ASP A 154 -2.19 -1.24 28.65
C ASP A 154 -0.77 -1.78 28.54
N SER A 155 -0.52 -3.05 28.92
CA SER A 155 0.81 -3.64 28.70
C SER A 155 0.79 -5.16 28.49
N PHE A 156 -0.35 -5.84 28.49
CA PHE A 156 -0.37 -7.33 28.58
C PHE A 156 0.37 -7.98 27.39
N TRP A 157 0.48 -7.30 26.23
CA TRP A 157 1.16 -7.83 25.03
C TRP A 157 2.67 -7.72 25.17
N LEU A 158 3.15 -6.96 26.18
CA LEU A 158 4.60 -6.86 26.45
CA LEU A 158 4.58 -6.75 26.52
C LEU A 158 4.94 -7.58 27.76
N ASP A 159 4.06 -7.63 28.76
CA ASP A 159 4.51 -8.33 29.99
C ASP A 159 3.37 -9.03 30.73
N GLY A 160 2.32 -9.40 30.02
CA GLY A 160 1.15 -10.12 30.55
C GLY A 160 1.12 -11.57 30.08
N GLY A 161 -0.07 -12.16 29.94
CA GLY A 161 -0.24 -13.60 29.74
C GLY A 161 -0.40 -13.98 28.27
N ILE A 162 -0.57 -13.00 27.37
CA ILE A 162 -0.88 -13.33 25.94
C ILE A 162 0.37 -13.99 25.31
N ARG A 163 0.17 -15.04 24.53
CA ARG A 163 1.24 -15.80 23.86
C ARG A 163 0.71 -16.22 22.50
N ILE A 164 1.54 -16.06 21.47
CA ILE A 164 1.18 -16.44 20.09
C ILE A 164 2.42 -17.03 19.43
N SER A 165 2.24 -18.11 18.66
CA SER A 165 3.33 -18.71 17.89
C SER A 165 3.39 -18.09 16.49
N ALA A 166 4.51 -18.31 15.77
CA ALA A 166 4.67 -17.91 14.36
C ALA A 166 3.52 -18.48 13.51
N THR A 167 3.13 -19.74 13.69
CA THR A 167 2.07 -20.37 12.86
C THR A 167 0.72 -19.76 13.22
N GLU A 168 0.48 -19.43 14.50
CA GLU A 168 -0.77 -18.73 14.94
C GLU A 168 -0.83 -17.32 14.35
N GLN A 169 0.32 -16.65 14.21
CA GLN A 169 0.44 -15.28 13.62
C GLN A 169 -0.02 -15.44 12.15
N ILE A 170 0.44 -16.49 11.47
CA ILE A 170 0.05 -16.72 10.07
C ILE A 170 -1.46 -16.97 9.96
N SER A 171 -2.06 -17.84 10.79
CA SER A 171 -3.52 -18.11 10.81
C SER A 171 -4.30 -16.79 10.91
N PHE A 172 -3.88 -15.90 11.81
CA PHE A 172 -4.53 -14.59 12.06
C PHE A 172 -4.36 -13.71 10.81
N LEU A 173 -3.14 -13.58 10.28
CA LEU A 173 -2.83 -12.73 9.10
C LEU A 173 -3.58 -13.19 7.87
N ARG A 174 -3.73 -14.51 7.66
CA ARG A 174 -4.49 -15.02 6.50
C ARG A 174 -5.95 -14.55 6.56
N LYS A 175 -6.54 -14.55 7.75
CA LYS A 175 -7.92 -14.07 7.95
C LYS A 175 -7.96 -12.56 7.65
N LEU A 176 -6.99 -11.79 8.14
CA LEU A 176 -6.97 -10.33 7.87
C LEU A 176 -6.87 -10.10 6.36
N TYR A 177 -5.96 -10.83 5.71
CA TYR A 177 -5.68 -10.67 4.26
C TYR A 177 -7.01 -10.87 3.51
N HIS A 178 -7.81 -11.82 3.93
CA HIS A 178 -9.07 -12.22 3.25
C HIS A 178 -10.30 -11.46 3.78
N ASN A 179 -10.15 -10.49 4.69
CA ASN A 179 -11.27 -9.73 5.29
C ASN A 179 -12.21 -10.67 6.05
N LYS A 180 -11.69 -11.77 6.61
CA LYS A 180 -12.51 -12.81 7.28
C LYS A 180 -12.50 -12.63 8.79
N LEU A 181 -11.78 -11.66 9.35
CA LEU A 181 -11.87 -11.41 10.82
C LEU A 181 -13.26 -10.84 11.13
N HIS A 182 -13.77 -11.05 12.36
CA HIS A 182 -15.15 -10.65 12.77
C HIS A 182 -15.11 -9.19 13.21
N VAL A 183 -14.69 -8.31 12.28
CA VAL A 183 -14.73 -6.83 12.35
C VAL A 183 -15.10 -6.33 10.95
N SER A 184 -15.36 -5.05 10.75
CA SER A 184 -15.88 -4.59 9.44
C SER A 184 -14.80 -4.84 8.38
N GLU A 185 -15.18 -4.96 7.13
CA GLU A 185 -14.21 -4.91 6.01
C GLU A 185 -13.40 -3.62 6.08
N ARG A 186 -14.05 -2.49 6.39
CA ARG A 186 -13.35 -1.19 6.40
C ARG A 186 -12.20 -1.23 7.41
N SER A 187 -12.39 -1.79 8.60
CA SER A 187 -11.33 -1.80 9.65
C SER A 187 -10.16 -2.62 9.12
N GLN A 188 -10.47 -3.73 8.45
CA GLN A 188 -9.44 -4.65 7.91
C GLN A 188 -8.63 -3.91 6.83
N ARG A 189 -9.29 -3.23 5.89
CA ARG A 189 -8.60 -2.46 4.82
C ARG A 189 -7.76 -1.34 5.45
N ILE A 190 -8.27 -0.61 6.43
CA ILE A 190 -7.43 0.48 7.04
C ILE A 190 -6.15 -0.11 7.68
N VAL A 191 -6.24 -1.19 8.46
CA VAL A 191 -5.03 -1.75 9.14
C VAL A 191 -4.05 -2.28 8.08
N LYS A 192 -4.53 -2.95 7.05
CA LYS A 192 -3.63 -3.45 5.96
C LYS A 192 -2.94 -2.27 5.27
N GLN A 193 -3.63 -1.15 5.11
CA GLN A 193 -2.98 0.09 4.59
C GLN A 193 -1.88 0.49 5.56
N ALA A 194 -2.18 0.56 6.85
CA ALA A 194 -1.23 0.97 7.91
C ALA A 194 -0.06 -0.02 8.03
N MET A 195 -0.24 -1.28 7.65
CA MET A 195 0.86 -2.28 7.68
C MET A 195 1.83 -2.10 6.50
N LEU A 196 1.53 -1.26 5.51
CA LEU A 196 2.40 -1.15 4.31
C LEU A 196 3.82 -0.78 4.74
N THR A 197 4.79 -1.59 4.34
CA THR A 197 6.21 -1.43 4.71
C THR A 197 7.03 -1.08 3.48
N GLU A 198 6.79 -1.78 2.36
CA GLU A 198 7.67 -1.64 1.18
C GLU A 198 6.86 -2.05 -0.04
N ALA A 199 7.07 -1.37 -1.16
CA ALA A 199 6.45 -1.74 -2.44
C ALA A 199 7.36 -1.28 -3.57
N ASN A 200 7.48 -2.15 -4.56
CA ASN A 200 8.17 -1.83 -5.84
C ASN A 200 7.48 -2.64 -6.94
N GLY A 201 8.08 -2.68 -8.12
CA GLY A 201 7.48 -3.41 -9.25
C GLY A 201 7.58 -4.93 -9.09
N ASP A 202 8.27 -5.43 -8.06
CA ASP A 202 8.43 -6.89 -7.85
C ASP A 202 7.49 -7.41 -6.75
N TYR A 203 7.27 -6.65 -5.68
CA TYR A 203 6.48 -7.15 -4.53
C TYR A 203 5.98 -6.00 -3.67
N ILE A 204 5.00 -6.33 -2.83
CA ILE A 204 4.48 -5.45 -1.75
C ILE A 204 4.62 -6.22 -0.44
N ILE A 205 5.19 -5.60 0.59
CA ILE A 205 5.24 -6.22 1.93
C ILE A 205 4.34 -5.36 2.84
N ARG A 206 3.43 -6.04 3.51
CA ARG A 206 2.61 -5.50 4.60
C ARG A 206 3.02 -6.31 5.83
N ALA A 207 3.49 -5.62 6.87
CA ALA A 207 4.09 -6.32 8.00
C ALA A 207 4.21 -5.42 9.23
N LYS A 208 4.62 -6.03 10.33
CA LYS A 208 4.85 -5.33 11.60
C LYS A 208 5.99 -6.03 12.33
N THR A 209 6.94 -5.23 12.80
CA THR A 209 8.04 -5.66 13.69
C THR A 209 7.57 -5.69 15.15
N GLY A 210 8.26 -6.51 15.94
CA GLY A 210 8.14 -6.47 17.39
C GLY A 210 9.46 -6.81 18.04
N TYR A 211 9.61 -6.36 19.27
CA TYR A 211 10.80 -6.66 20.10
C TYR A 211 10.31 -6.87 21.53
N SER A 212 10.32 -8.11 22.01
CA SER A 212 9.87 -8.46 23.37
C SER A 212 11.06 -8.28 24.30
N THR A 213 11.04 -7.24 25.12
CA THR A 213 12.23 -6.79 25.92
C THR A 213 12.04 -6.94 27.44
N ARG A 214 10.82 -7.13 27.95
CA ARG A 214 10.54 -7.10 29.42
C ARG A 214 10.67 -8.49 30.03
N ILE A 215 10.15 -9.52 29.37
CA ILE A 215 10.07 -10.92 29.88
C ILE A 215 10.95 -11.83 29.03
N GLU A 216 11.80 -12.65 29.67
CA GLU A 216 12.69 -13.62 28.98
C GLU A 216 11.82 -14.68 28.34
N PRO A 217 12.18 -15.22 27.14
CA PRO A 217 13.37 -14.80 26.41
C PRO A 217 13.15 -13.54 25.56
N LYS A 218 14.15 -12.67 25.49
CA LYS A 218 14.09 -11.46 24.63
C LYS A 218 14.13 -11.93 23.19
N ILE A 219 13.11 -11.58 22.41
CA ILE A 219 13.03 -12.00 20.97
C ILE A 219 12.60 -10.83 20.09
N GLY A 220 13.02 -10.90 18.83
CA GLY A 220 12.50 -10.05 17.76
C GLY A 220 11.47 -10.83 16.95
N TRP A 221 10.54 -10.09 16.37
CA TRP A 221 9.45 -10.57 15.50
C TRP A 221 9.46 -9.78 14.19
N TRP A 222 9.08 -10.45 13.13
CA TRP A 222 8.54 -9.76 11.93
C TRP A 222 7.48 -10.66 11.32
N VAL A 223 6.28 -10.13 11.23
CA VAL A 223 5.12 -10.91 10.73
C VAL A 223 4.43 -10.09 9.65
N GLY A 224 3.94 -10.77 8.63
CA GLY A 224 3.20 -10.11 7.56
C GLY A 224 3.08 -10.99 6.34
N TRP A 225 3.15 -10.34 5.19
CA TRP A 225 3.04 -11.06 3.91
C TRP A 225 3.66 -10.30 2.78
N VAL A 226 4.00 -11.09 1.75
CA VAL A 226 4.54 -10.57 0.47
C VAL A 226 3.45 -10.80 -0.57
N GLU A 227 2.99 -9.72 -1.17
CA GLU A 227 2.01 -9.78 -2.29
C GLU A 227 2.80 -9.82 -3.60
N LEU A 228 2.62 -10.87 -4.38
CA LEU A 228 3.13 -10.99 -5.77
C LEU A 228 1.97 -10.77 -6.74
N ASP A 229 2.25 -10.68 -8.03
CA ASP A 229 1.20 -10.53 -9.08
C ASP A 229 0.11 -11.61 -8.91
N ASP A 230 0.43 -12.90 -8.69
CA ASP A 230 -0.53 -14.02 -8.76
CA ASP A 230 -0.61 -13.97 -8.73
C ASP A 230 -0.48 -14.88 -7.51
N ASN A 231 0.11 -14.40 -6.43
CA ASN A 231 0.22 -15.23 -5.21
C ASN A 231 0.48 -14.30 -4.02
N VAL A 232 0.29 -14.84 -2.83
CA VAL A 232 0.62 -14.18 -1.53
C VAL A 232 1.44 -15.17 -0.70
N TRP A 233 2.58 -14.74 -0.17
CA TRP A 233 3.41 -15.54 0.76
C TRP A 233 3.33 -14.87 2.14
N PHE A 234 2.66 -15.51 3.08
CA PHE A 234 2.59 -15.08 4.48
C PHE A 234 3.90 -15.46 5.15
N PHE A 235 4.29 -14.68 6.15
CA PHE A 235 5.54 -14.98 6.88
C PHE A 235 5.36 -14.60 8.33
N ALA A 236 6.02 -15.36 9.17
CA ALA A 236 6.18 -14.99 10.59
C ALA A 236 7.53 -15.51 11.04
N MET A 237 8.32 -14.60 11.59
CA MET A 237 9.68 -14.93 12.03
C MET A 237 9.85 -14.41 13.44
N ASN A 238 10.51 -15.21 14.26
CA ASN A 238 11.10 -14.67 15.51
C ASN A 238 12.55 -15.18 15.68
N MET A 239 13.30 -14.45 16.48
CA MET A 239 14.72 -14.78 16.74
C MET A 239 15.13 -14.29 18.12
N ASP A 240 16.11 -14.97 18.71
CA ASP A 240 16.66 -14.49 20.01
C ASP A 240 17.28 -13.11 19.74
N MET A 241 17.05 -12.18 20.67
CA MET A 241 17.46 -10.75 20.55
C MET A 241 17.98 -10.30 21.91
N PRO A 242 19.15 -10.82 22.35
CA PRO A 242 19.71 -10.47 23.66
C PRO A 242 19.98 -8.96 23.82
N THR A 243 20.36 -8.29 22.72
CA THR A 243 20.64 -6.84 22.65
C THR A 243 20.00 -6.29 21.38
N SER A 244 19.69 -4.99 21.39
CA SER A 244 19.07 -4.24 20.28
C SER A 244 20.00 -4.26 19.06
N ASP A 245 21.23 -4.74 19.22
CA ASP A 245 22.26 -4.74 18.15
CA ASP A 245 22.28 -4.79 18.18
C ASP A 245 21.74 -5.50 16.93
N GLY A 246 21.02 -6.61 17.13
CA GLY A 246 20.61 -7.51 16.03
C GLY A 246 19.27 -7.17 15.42
N LEU A 247 18.66 -6.01 15.73
CA LEU A 247 17.25 -5.76 15.33
C LEU A 247 17.08 -5.82 13.80
N GLY A 248 18.07 -5.38 13.01
CA GLY A 248 17.98 -5.35 11.55
C GLY A 248 17.92 -6.74 10.95
N LEU A 249 18.36 -7.76 11.69
CA LEU A 249 18.36 -9.16 11.21
C LEU A 249 16.92 -9.69 11.13
N ARG A 250 15.94 -9.07 11.80
CA ARG A 250 14.52 -9.56 11.68
C ARG A 250 14.15 -9.54 10.18
N GLN A 251 14.33 -8.39 9.54
CA GLN A 251 13.99 -8.18 8.12
C GLN A 251 15.06 -8.85 7.27
N ALA A 252 16.34 -8.73 7.65
CA ALA A 252 17.44 -9.22 6.76
C ALA A 252 17.38 -10.74 6.63
N ILE A 253 17.20 -11.49 7.71
CA ILE A 253 17.15 -12.97 7.65
C ILE A 253 15.90 -13.40 6.89
N THR A 254 14.78 -12.72 7.13
CA THR A 254 13.53 -13.00 6.40
C THR A 254 13.80 -12.84 4.90
N LYS A 255 14.35 -11.71 4.49
CA LYS A 255 14.64 -11.45 3.06
C LYS A 255 15.66 -12.46 2.51
N GLU A 256 16.65 -12.93 3.29
CA GLU A 256 17.61 -13.95 2.78
C GLU A 256 16.81 -15.20 2.42
N VAL A 257 15.86 -15.59 3.26
CA VAL A 257 15.02 -16.80 3.02
C VAL A 257 14.12 -16.54 1.81
N LEU A 258 13.44 -15.39 1.75
CA LEU A 258 12.56 -15.09 0.59
C LEU A 258 13.39 -15.12 -0.70
N LYS A 259 14.62 -14.59 -0.69
CA LYS A 259 15.52 -14.63 -1.87
C LYS A 259 15.90 -16.09 -2.17
N GLN A 260 16.35 -16.86 -1.18
CA GLN A 260 16.66 -18.29 -1.38
C GLN A 260 15.50 -18.99 -2.06
N GLU A 261 14.25 -18.73 -1.64
CA GLU A 261 13.08 -19.45 -2.18
C GLU A 261 12.57 -18.80 -3.49
N LYS A 262 13.24 -17.78 -4.02
CA LYS A 262 12.91 -17.13 -5.33
CA LYS A 262 12.91 -17.14 -5.32
C LYS A 262 11.55 -16.45 -5.24
N ILE A 263 11.14 -16.01 -4.06
CA ILE A 263 9.90 -15.23 -3.83
C ILE A 263 10.16 -13.76 -4.17
N ILE A 264 11.31 -13.22 -3.79
CA ILE A 264 11.76 -11.86 -4.21
C ILE A 264 13.10 -12.03 -4.95
N PRO A 265 13.41 -11.15 -5.94
CA PRO A 265 14.70 -11.19 -6.63
C PRO A 265 15.91 -11.01 -5.71
N GLU B 24 -1.63 30.78 -4.85
CA GLU B 24 -2.45 29.62 -5.30
C GLU B 24 -1.62 28.79 -6.29
N TRP B 25 -1.19 29.42 -7.39
CA TRP B 25 -0.35 28.78 -8.42
C TRP B 25 0.92 29.60 -8.60
N GLN B 26 2.09 28.97 -8.47
CA GLN B 26 3.39 29.64 -8.68
C GLN B 26 4.09 28.93 -9.84
N GLU B 27 4.52 29.70 -10.83
CA GLU B 27 5.32 29.19 -11.97
C GLU B 27 6.81 29.23 -11.60
N ASN B 28 7.49 28.09 -11.65
CA ASN B 28 8.92 27.88 -11.37
C ASN B 28 9.55 27.35 -12.67
N LYS B 29 10.03 28.27 -13.51
CA LYS B 29 10.62 27.94 -14.83
C LYS B 29 11.98 27.25 -14.65
N SER B 30 12.58 27.30 -13.46
CA SER B 30 13.82 26.57 -13.12
C SER B 30 13.63 25.05 -13.33
N TRP B 31 12.39 24.54 -13.22
CA TRP B 31 12.11 23.10 -13.49
C TRP B 31 12.26 22.77 -14.98
N ASN B 32 12.14 23.76 -15.87
CA ASN B 32 12.29 23.52 -17.34
C ASN B 32 13.63 22.83 -17.62
N ALA B 33 14.62 23.01 -16.74
CA ALA B 33 15.96 22.44 -16.91
C ALA B 33 15.85 20.92 -16.90
N HIS B 34 14.92 20.35 -16.12
CA HIS B 34 14.74 18.88 -16.03
C HIS B 34 14.14 18.36 -17.34
N PHE B 35 13.39 19.17 -18.09
CA PHE B 35 12.92 18.75 -19.44
C PHE B 35 14.04 19.01 -20.46
N THR B 36 14.57 20.24 -20.52
CA THR B 36 15.72 20.67 -21.37
C THR B 36 16.86 19.65 -21.32
N GLU B 37 17.33 19.30 -20.12
CA GLU B 37 18.44 18.33 -19.85
CA GLU B 37 18.47 18.36 -19.91
C GLU B 37 18.19 17.01 -20.59
N HIS B 38 16.91 16.58 -20.70
CA HIS B 38 16.55 15.31 -21.40
C HIS B 38 16.03 15.59 -22.82
N LYS B 39 16.29 16.77 -23.38
CA LYS B 39 15.84 17.17 -24.76
C LYS B 39 14.33 16.89 -24.90
N SER B 40 13.53 17.29 -23.90
CA SER B 40 12.08 16.95 -23.77
C SER B 40 11.30 18.25 -23.57
N GLN B 41 9.98 18.18 -23.70
CA GLN B 41 9.06 19.31 -23.43
C GLN B 41 7.92 18.74 -22.61
N GLY B 42 7.49 19.45 -21.59
CA GLY B 42 6.36 18.97 -20.79
C GLY B 42 6.13 19.85 -19.60
N VAL B 43 5.25 19.37 -18.74
CA VAL B 43 4.80 20.14 -17.56
C VAL B 43 4.84 19.20 -16.37
N VAL B 44 5.31 19.70 -15.24
CA VAL B 44 5.05 19.06 -13.93
C VAL B 44 4.21 20.02 -13.14
N VAL B 45 3.13 19.51 -12.52
CA VAL B 45 2.30 20.24 -11.53
C VAL B 45 2.42 19.53 -10.20
N LEU B 46 2.80 20.27 -9.15
CA LEU B 46 2.84 19.80 -7.74
C LEU B 46 1.81 20.60 -6.94
N TRP B 47 1.20 19.94 -5.98
CA TRP B 47 0.25 20.55 -5.02
C TRP B 47 0.59 20.12 -3.62
N ASN B 48 0.92 21.11 -2.78
CA ASN B 48 1.28 20.94 -1.35
C ASN B 48 -0.04 20.96 -0.61
N GLU B 49 -0.52 19.81 -0.13
CA GLU B 49 -1.87 19.74 0.47
C GLU B 49 -1.92 20.57 1.76
N ASN B 50 -0.90 20.49 2.59
CA ASN B 50 -0.91 21.19 3.91
C ASN B 50 -0.99 22.70 3.66
N LYS B 51 -0.25 23.23 2.68
CA LYS B 51 -0.15 24.70 2.44
C LYS B 51 -1.23 25.16 1.46
N GLN B 52 -1.89 24.23 0.74
CA GLN B 52 -2.90 24.58 -0.28
C GLN B 52 -2.22 25.46 -1.33
N GLN B 53 -1.01 25.09 -1.76
CA GLN B 53 -0.24 25.84 -2.79
C GLN B 53 0.20 24.88 -3.90
N GLY B 54 0.05 25.34 -5.13
CA GLY B 54 0.42 24.67 -6.37
C GLY B 54 1.64 25.30 -7.01
N PHE B 55 2.43 24.46 -7.68
CA PHE B 55 3.66 24.84 -8.39
C PHE B 55 3.69 24.16 -9.75
N THR B 56 4.18 24.84 -10.78
CA THR B 56 4.43 24.24 -12.12
C THR B 56 5.57 24.95 -12.84
N ASN B 57 6.20 24.27 -13.80
CA ASN B 57 7.17 24.90 -14.72
C ASN B 57 6.45 25.70 -15.80
N ASN B 58 5.14 25.52 -16.01
CA ASN B 58 4.47 26.07 -17.23
C ASN B 58 2.97 26.18 -16.99
N LEU B 59 2.49 27.34 -16.56
CA LEU B 59 1.05 27.55 -16.22
C LEU B 59 0.17 27.21 -17.42
N LYS B 60 0.57 27.61 -18.62
CA LYS B 60 -0.23 27.40 -19.83
C LYS B 60 -0.38 25.88 -20.09
N ARG B 61 0.70 25.14 -20.14
CA ARG B 61 0.64 23.69 -20.45
C ARG B 61 -0.05 22.96 -19.29
N ALA B 62 0.09 23.45 -18.06
CA ALA B 62 -0.55 22.84 -16.88
C ALA B 62 -2.06 22.85 -17.08
N ASN B 63 -2.57 23.80 -17.86
CA ASN B 63 -4.02 24.02 -18.07
C ASN B 63 -4.45 23.58 -19.47
N GLN B 64 -3.57 22.95 -20.24
CA GLN B 64 -3.94 22.37 -21.56
C GLN B 64 -4.49 20.97 -21.33
N ALA B 65 -5.58 20.62 -22.00
CA ALA B 65 -6.24 19.31 -21.78
C ALA B 65 -5.76 18.34 -22.84
N PHE B 66 -5.36 17.14 -22.44
CA PHE B 66 -4.92 16.06 -23.34
C PHE B 66 -5.79 14.83 -23.12
N LEU B 67 -5.70 13.89 -24.05
CA LEU B 67 -6.29 12.57 -23.86
C LEU B 67 -5.71 11.98 -22.59
N PRO B 68 -6.55 11.41 -21.70
CA PRO B 68 -6.02 10.80 -20.48
C PRO B 68 -5.25 9.50 -20.71
N ALA B 69 -5.60 8.80 -21.79
CA ALA B 69 -5.07 7.45 -22.11
C ALA B 69 -5.20 6.59 -20.83
N SER B 70 -4.16 5.88 -20.40
CA SER B 70 -4.28 4.88 -19.29
C SER B 70 -4.46 5.53 -17.91
N THR B 71 -4.34 6.84 -17.78
CA THR B 71 -4.69 7.51 -16.49
C THR B 71 -6.18 7.37 -16.28
N PHE B 72 -6.93 7.11 -17.36
CA PHE B 72 -8.40 6.94 -17.29
C PHE B 72 -8.76 5.66 -16.49
N LYS B 73 -7.79 4.78 -16.29
CA LYS B 73 -8.03 3.53 -15.51
C LYS B 73 -8.39 3.91 -14.08
N ILE B 74 -8.02 5.08 -13.59
CA ILE B 74 -8.42 5.44 -12.22
C ILE B 74 -9.94 5.60 -12.17
N PRO B 75 -10.56 6.58 -12.88
CA PRO B 75 -12.02 6.71 -12.80
C PRO B 75 -12.81 5.48 -13.26
N ASN B 76 -12.34 4.78 -14.29
CA ASN B 76 -12.94 3.54 -14.81
C ASN B 76 -13.03 2.53 -13.66
N SER B 77 -11.92 2.29 -12.96
CA SER B 77 -11.84 1.34 -11.81
C SER B 77 -12.88 1.74 -10.76
N LEU B 78 -12.94 3.03 -10.44
CA LEU B 78 -13.83 3.55 -9.38
C LEU B 78 -15.28 3.20 -9.73
N ILE B 79 -15.67 3.53 -10.97
CA ILE B 79 -17.07 3.38 -11.47
C ILE B 79 -17.42 1.88 -11.48
N ALA B 80 -16.55 1.04 -12.01
CA ALA B 80 -16.73 -0.41 -12.12
C ALA B 80 -16.87 -1.07 -10.72
N LEU B 81 -16.11 -0.62 -9.70
CA LEU B 81 -16.28 -1.08 -8.31
C LEU B 81 -17.63 -0.58 -7.76
N ASP B 82 -17.94 0.70 -7.95
CA ASP B 82 -19.13 1.32 -7.31
C ASP B 82 -20.41 0.65 -7.84
N LEU B 83 -20.42 0.22 -9.10
CA LEU B 83 -21.57 -0.41 -9.77
C LEU B 83 -21.58 -1.92 -9.58
N GLY B 84 -20.54 -2.52 -8.99
CA GLY B 84 -20.49 -3.97 -8.79
C GLY B 84 -20.12 -4.72 -10.06
N VAL B 85 -19.70 -4.01 -11.10
CA VAL B 85 -19.13 -4.64 -12.32
C VAL B 85 -17.85 -5.38 -11.91
N VAL B 86 -17.07 -4.80 -10.99
CA VAL B 86 -15.92 -5.50 -10.35
C VAL B 86 -16.28 -5.74 -8.89
N LYS B 87 -16.24 -6.99 -8.42
CA LYS B 87 -16.66 -7.32 -7.03
C LYS B 87 -15.62 -6.78 -6.04
N ASP B 88 -14.34 -7.05 -6.31
CA ASP B 88 -13.22 -6.64 -5.42
C ASP B 88 -11.90 -6.80 -6.19
N GLU B 89 -10.80 -6.49 -5.51
CA GLU B 89 -9.47 -6.49 -6.12
C GLU B 89 -8.98 -7.92 -6.36
N HIS B 90 -9.70 -8.98 -5.96
CA HIS B 90 -9.26 -10.40 -6.13
C HIS B 90 -9.96 -11.05 -7.32
N GLN B 91 -11.09 -10.52 -7.74
CA GLN B 91 -11.85 -11.11 -8.88
C GLN B 91 -10.90 -11.25 -10.07
N VAL B 92 -10.89 -12.43 -10.69
CA VAL B 92 -9.99 -12.80 -11.82
C VAL B 92 -10.68 -12.48 -13.14
N PHE B 93 -10.00 -11.74 -13.99
CA PHE B 93 -10.41 -11.47 -15.38
C PHE B 93 -9.55 -12.38 -16.23
N LYS B 94 -10.20 -13.38 -16.84
CA LYS B 94 -9.50 -14.42 -17.64
C LYS B 94 -8.96 -13.80 -18.93
N TRP B 95 -7.71 -14.10 -19.28
CA TRP B 95 -7.16 -13.89 -20.62
C TRP B 95 -8.04 -14.59 -21.66
N ASP B 96 -8.32 -13.89 -22.77
CA ASP B 96 -9.18 -14.39 -23.87
C ASP B 96 -8.35 -15.26 -24.82
N GLY B 97 -7.04 -15.49 -24.56
CA GLY B 97 -6.20 -16.37 -25.40
C GLY B 97 -5.71 -15.71 -26.67
N GLN B 98 -5.85 -14.39 -26.76
CA GLN B 98 -5.37 -13.63 -27.92
C GLN B 98 -4.09 -12.91 -27.51
N THR B 99 -3.01 -13.23 -28.17
CA THR B 99 -1.70 -12.62 -27.89
C THR B 99 -1.75 -11.17 -28.36
N ARG B 100 -1.57 -10.24 -27.41
CA ARG B 100 -1.42 -8.80 -27.74
C ARG B 100 0.06 -8.43 -27.60
N ASP B 101 0.43 -7.19 -27.94
CA ASP B 101 1.84 -6.76 -28.08
C ASP B 101 2.56 -6.70 -26.73
N ILE B 102 1.84 -6.41 -25.65
CA ILE B 102 2.50 -6.28 -24.32
C ILE B 102 2.35 -7.63 -23.59
N ALA B 103 3.46 -8.33 -23.40
CA ALA B 103 3.52 -9.73 -22.93
C ALA B 103 2.75 -9.89 -21.62
N THR B 104 2.78 -8.89 -20.72
CA THR B 104 2.16 -8.99 -19.37
C THR B 104 0.64 -9.01 -19.51
N TRP B 105 0.10 -8.59 -20.66
CA TRP B 105 -1.36 -8.64 -20.89
C TRP B 105 -1.86 -10.08 -21.15
N ASN B 106 -1.00 -10.96 -21.60
CA ASN B 106 -1.39 -12.30 -22.16
C ASN B 106 -1.46 -13.35 -21.02
N ARG B 107 -2.30 -13.10 -20.03
CA ARG B 107 -2.42 -13.92 -18.80
C ARG B 107 -3.62 -13.38 -18.03
N ASP B 108 -4.01 -14.08 -16.98
CA ASP B 108 -5.15 -13.64 -16.14
C ASP B 108 -4.69 -12.40 -15.33
N HIS B 109 -5.64 -11.57 -14.94
CA HIS B 109 -5.38 -10.39 -14.08
C HIS B 109 -6.46 -10.28 -13.02
N ASN B 110 -6.17 -9.48 -12.00
CA ASN B 110 -7.17 -8.94 -11.08
C ASN B 110 -7.09 -7.40 -11.20
N LEU B 111 -7.80 -6.65 -10.37
CA LEU B 111 -7.73 -5.17 -10.47
C LEU B 111 -6.31 -4.65 -10.19
N ILE B 112 -5.57 -5.26 -9.27
CA ILE B 112 -4.22 -4.78 -8.89
C ILE B 112 -3.30 -4.92 -10.10
N THR B 113 -3.25 -6.11 -10.73
CA THR B 113 -2.32 -6.33 -11.87
C THR B 113 -2.83 -5.66 -13.16
N ALA B 114 -4.13 -5.54 -13.33
CA ALA B 114 -4.72 -4.84 -14.50
C ALA B 114 -4.26 -3.38 -14.48
N MET B 115 -4.18 -2.80 -13.29
CA MET B 115 -3.74 -1.41 -13.23
C MET B 115 -2.22 -1.32 -13.38
N LYS B 116 -1.51 -2.21 -12.72
CA LYS B 116 -0.03 -2.22 -12.69
C LYS B 116 0.50 -2.30 -14.13
N TYR B 117 -0.11 -3.17 -14.94
CA TYR B 117 0.33 -3.45 -16.33
C TYR B 117 -0.57 -2.72 -17.32
N SER B 118 -1.53 -1.92 -16.85
CA SER B 118 -2.33 -1.06 -17.73
C SER B 118 -3.04 -1.91 -18.82
N VAL B 119 -3.79 -2.92 -18.39
CA VAL B 119 -4.31 -3.99 -19.31
C VAL B 119 -5.59 -3.53 -19.99
N VAL B 120 -5.44 -3.04 -21.22
CA VAL B 120 -6.54 -2.35 -21.94
C VAL B 120 -7.75 -3.24 -22.10
N PRO B 121 -7.61 -4.50 -22.54
CA PRO B 121 -8.77 -5.39 -22.74
C PRO B 121 -9.67 -5.56 -21.52
N VAL B 122 -9.06 -5.59 -20.34
CA VAL B 122 -9.85 -5.69 -19.08
C VAL B 122 -10.73 -4.46 -18.93
N TYR B 123 -10.15 -3.29 -19.15
CA TYR B 123 -10.84 -1.99 -18.91
C TYR B 123 -11.85 -1.72 -20.02
N GLN B 124 -11.59 -2.19 -21.24
CA GLN B 124 -12.56 -2.08 -22.37
C GLN B 124 -13.85 -2.82 -21.95
N GLU B 125 -13.71 -4.02 -21.36
CA GLU B 125 -14.84 -4.85 -20.93
C GLU B 125 -15.53 -4.13 -19.77
N PHE B 126 -14.80 -3.62 -18.78
CA PHE B 126 -15.46 -2.81 -17.73
C PHE B 126 -16.32 -1.71 -18.37
N ALA B 127 -15.75 -0.90 -19.27
CA ALA B 127 -16.43 0.27 -19.90
C ALA B 127 -17.72 -0.21 -20.58
N ARG B 128 -17.65 -1.36 -21.26
CA ARG B 128 -18.85 -1.93 -21.95
C ARG B 128 -19.93 -2.26 -20.93
N GLN B 129 -19.61 -2.88 -19.79
CA GLN B 129 -20.62 -3.29 -18.77
C GLN B 129 -21.20 -2.06 -18.09
N ILE B 130 -20.36 -1.07 -17.82
CA ILE B 130 -20.79 0.24 -17.26
C ILE B 130 -21.82 0.86 -18.22
N GLY B 131 -21.47 0.97 -19.50
CA GLY B 131 -22.33 1.58 -20.53
C GLY B 131 -22.17 3.10 -20.58
N GLU B 132 -22.44 3.67 -21.75
CA GLU B 132 -22.25 5.10 -22.09
C GLU B 132 -22.98 6.00 -21.09
N ALA B 133 -24.21 5.64 -20.77
CA ALA B 133 -25.10 6.46 -19.94
C ALA B 133 -24.50 6.55 -18.53
N ARG B 134 -24.18 5.41 -17.91
CA ARG B 134 -23.64 5.45 -16.53
C ARG B 134 -22.22 6.07 -16.56
N MET B 135 -21.40 5.75 -17.57
CA MET B 135 -20.03 6.35 -17.68
C MET B 135 -20.15 7.88 -17.69
N SER B 136 -21.01 8.41 -18.56
CA SER B 136 -21.20 9.87 -18.77
C SER B 136 -21.62 10.55 -17.46
N LYS B 137 -22.60 10.00 -16.74
CA LYS B 137 -23.12 10.56 -15.47
C LYS B 137 -22.02 10.56 -14.40
N MET B 138 -21.23 9.51 -14.32
CA MET B 138 -20.23 9.37 -13.21
C MET B 138 -19.07 10.35 -13.42
N LEU B 139 -18.60 10.52 -14.65
CA LEU B 139 -17.54 11.51 -14.99
C LEU B 139 -18.06 12.91 -14.73
N HIS B 140 -19.35 13.16 -14.99
CA HIS B 140 -19.94 14.46 -14.56
C HIS B 140 -19.85 14.55 -13.03
N ALA B 141 -20.29 13.54 -12.30
CA ALA B 141 -20.30 13.54 -10.81
C ALA B 141 -18.87 13.78 -10.31
N PHE B 142 -17.86 13.23 -11.00
CA PHE B 142 -16.42 13.38 -10.65
C PHE B 142 -15.85 14.74 -11.09
N ASP B 143 -16.62 15.51 -11.86
CA ASP B 143 -16.11 16.76 -12.47
C ASP B 143 -14.82 16.45 -13.24
N TYR B 144 -14.80 15.33 -13.97
CA TYR B 144 -13.58 14.76 -14.60
C TYR B 144 -13.33 15.39 -15.98
N GLY B 145 -12.20 16.08 -16.13
CA GLY B 145 -11.80 16.72 -17.39
C GLY B 145 -12.94 17.50 -18.02
N ASN B 146 -13.17 17.30 -19.33
CA ASN B 146 -14.26 17.98 -20.09
C ASN B 146 -15.58 17.19 -20.02
N GLU B 147 -15.61 16.07 -19.28
CA GLU B 147 -16.73 15.09 -19.06
C GLU B 147 -17.43 14.70 -20.39
N ASP B 148 -16.66 14.59 -21.47
CA ASP B 148 -17.14 14.29 -22.85
C ASP B 148 -16.65 12.90 -23.26
N ILE B 149 -17.54 11.90 -23.44
CA ILE B 149 -17.15 10.49 -23.76
C ILE B 149 -17.44 10.14 -25.24
N SER B 150 -17.47 11.15 -26.14
CA SER B 150 -17.60 11.00 -27.63
C SER B 150 -16.58 9.99 -28.16
N GLY B 151 -17.01 9.08 -29.05
CA GLY B 151 -16.19 7.96 -29.56
C GLY B 151 -16.72 6.63 -29.03
N ASN B 152 -15.96 5.53 -29.18
CA ASN B 152 -16.32 4.17 -28.68
C ASN B 152 -16.32 4.17 -27.15
N VAL B 153 -17.29 3.49 -26.54
CA VAL B 153 -17.40 3.30 -25.06
C VAL B 153 -16.07 2.73 -24.54
N ASP B 154 -15.36 1.95 -25.37
CA ASP B 154 -14.16 1.16 -25.00
C ASP B 154 -12.87 1.69 -25.66
N SER B 155 -12.82 2.98 -26.07
CA SER B 155 -11.57 3.61 -26.55
C SER B 155 -11.57 5.15 -26.40
N PHE B 156 -12.64 5.76 -25.89
CA PHE B 156 -12.84 7.23 -25.94
C PHE B 156 -11.68 7.95 -25.23
N TRP B 157 -11.03 7.32 -24.24
CA TRP B 157 -9.89 7.89 -23.44
C TRP B 157 -8.56 7.91 -24.23
N LEU B 158 -8.50 7.20 -25.37
CA LEU B 158 -7.29 7.10 -26.25
C LEU B 158 -7.51 7.83 -27.58
N ASP B 159 -8.74 7.90 -28.11
CA ASP B 159 -9.01 8.51 -29.44
C ASP B 159 -10.42 9.08 -29.51
N GLY B 160 -11.02 9.38 -28.36
CA GLY B 160 -12.38 9.97 -28.26
C GLY B 160 -12.33 11.41 -27.83
N GLY B 161 -13.44 11.88 -27.27
CA GLY B 161 -13.66 13.29 -26.92
C GLY B 161 -13.08 13.66 -25.56
N ILE B 162 -12.83 12.69 -24.66
CA ILE B 162 -12.48 13.03 -23.25
C ILE B 162 -11.07 13.67 -23.22
N ARG B 163 -10.91 14.81 -22.55
CA ARG B 163 -9.59 15.48 -22.40
C ARG B 163 -9.51 15.96 -20.95
N ILE B 164 -8.31 16.07 -20.44
CA ILE B 164 -8.10 16.49 -19.02
C ILE B 164 -6.73 17.15 -18.95
N SER B 165 -6.63 18.25 -18.22
CA SER B 165 -5.36 18.95 -17.94
C SER B 165 -4.68 18.38 -16.70
N ALA B 166 -3.38 18.66 -16.57
CA ALA B 166 -2.59 18.32 -15.37
C ALA B 166 -3.29 18.91 -14.14
N THR B 167 -3.77 20.14 -14.18
CA THR B 167 -4.42 20.78 -13.00
C THR B 167 -5.75 20.07 -12.69
N GLU B 168 -6.48 19.63 -13.71
CA GLU B 168 -7.77 18.89 -13.53
C GLU B 168 -7.49 17.51 -12.95
N GLN B 169 -6.35 16.88 -13.30
CA GLN B 169 -5.95 15.59 -12.71
C GLN B 169 -5.76 15.83 -11.21
N ILE B 170 -5.01 16.87 -10.85
CA ILE B 170 -4.78 17.15 -9.41
C ILE B 170 -6.14 17.32 -8.70
N SER B 171 -7.06 18.12 -9.21
CA SER B 171 -8.36 18.36 -8.52
CA SER B 171 -8.37 18.36 -8.55
C SER B 171 -9.02 17.01 -8.25
N PHE B 172 -9.02 16.13 -9.27
CA PHE B 172 -9.66 14.81 -9.23
C PHE B 172 -8.97 13.93 -8.18
N LEU B 173 -7.63 13.89 -8.18
CA LEU B 173 -6.84 13.05 -7.28
C LEU B 173 -7.06 13.52 -5.86
N ARG B 174 -7.16 14.83 -5.62
CA ARG B 174 -7.32 15.35 -4.24
C ARG B 174 -8.66 14.84 -3.67
N LYS B 175 -9.68 14.83 -4.49
CA LYS B 175 -11.00 14.30 -4.08
C LYS B 175 -10.83 12.80 -3.73
N LEU B 176 -10.19 12.02 -4.59
CA LEU B 176 -10.00 10.57 -4.37
C LEU B 176 -9.25 10.38 -3.04
N TYR B 177 -8.18 11.14 -2.81
CA TYR B 177 -7.32 11.04 -1.62
C TYR B 177 -8.18 11.21 -0.38
N HIS B 178 -9.10 12.18 -0.38
CA HIS B 178 -9.99 12.53 0.75
C HIS B 178 -11.29 11.69 0.80
N ASN B 179 -11.52 10.74 -0.11
CA ASN B 179 -12.77 9.93 -0.17
C ASN B 179 -13.97 10.86 -0.44
N LYS B 180 -13.79 11.92 -1.20
CA LYS B 180 -14.83 12.95 -1.47
C LYS B 180 -15.46 12.73 -2.85
N LEU B 181 -14.99 11.77 -3.66
CA LEU B 181 -15.67 11.48 -4.94
C LEU B 181 -17.04 10.89 -4.63
N HIS B 182 -17.99 11.04 -5.56
CA HIS B 182 -19.41 10.62 -5.35
C HIS B 182 -19.52 9.13 -5.69
N VAL B 183 -18.73 8.30 -5.02
CA VAL B 183 -18.79 6.81 -5.09
C VAL B 183 -18.56 6.34 -3.65
N SER B 184 -18.70 5.05 -3.37
CA SER B 184 -18.56 4.55 -1.97
C SER B 184 -17.13 4.85 -1.46
N GLU B 185 -16.97 5.00 -0.16
CA GLU B 185 -15.65 5.02 0.49
C GLU B 185 -14.87 3.75 0.08
N ARG B 186 -15.52 2.59 0.13
CA ARG B 186 -14.91 1.29 -0.20
C ARG B 186 -14.28 1.35 -1.60
N SER B 187 -15.01 1.85 -2.59
CA SER B 187 -14.53 1.93 -4.00
C SER B 187 -13.23 2.76 -4.03
N GLN B 188 -13.26 3.88 -3.32
CA GLN B 188 -12.11 4.82 -3.28
C GLN B 188 -10.88 4.14 -2.63
N ARG B 189 -11.06 3.50 -1.50
CA ARG B 189 -9.95 2.77 -0.81
C ARG B 189 -9.40 1.70 -1.74
N ILE B 190 -10.25 0.92 -2.40
CA ILE B 190 -9.75 -0.18 -3.28
C ILE B 190 -8.93 0.38 -4.45
N VAL B 191 -9.40 1.44 -5.09
CA VAL B 191 -8.62 2.04 -6.20
C VAL B 191 -7.32 2.64 -5.66
N LYS B 192 -7.30 3.29 -4.50
CA LYS B 192 -6.03 3.82 -3.96
C LYS B 192 -5.06 2.68 -3.69
N GLN B 193 -5.56 1.51 -3.22
CA GLN B 193 -4.71 0.30 -3.06
C GLN B 193 -4.14 -0.09 -4.43
N ALA B 194 -4.96 -0.15 -5.46
CA ALA B 194 -4.51 -0.52 -6.82
C ALA B 194 -3.49 0.47 -7.38
N MET B 195 -3.53 1.74 -6.98
CA MET B 195 -2.58 2.77 -7.46
C MET B 195 -1.22 2.64 -6.79
N LEU B 196 -1.10 1.83 -5.76
CA LEU B 196 0.19 1.71 -5.04
C LEU B 196 1.28 1.39 -6.07
N THR B 197 2.31 2.22 -6.13
CA THR B 197 3.41 2.07 -7.11
C THR B 197 4.73 1.78 -6.40
N GLU B 198 5.02 2.50 -5.32
CA GLU B 198 6.32 2.40 -4.63
C GLU B 198 6.13 2.79 -3.17
N ALA B 199 6.81 2.12 -2.25
CA ALA B 199 6.80 2.51 -0.83
C ALA B 199 8.13 2.13 -0.20
N ASN B 200 8.55 2.94 0.75
CA ASN B 200 9.71 2.62 1.60
C ASN B 200 9.56 3.42 2.88
N GLY B 201 10.63 3.49 3.67
CA GLY B 201 10.63 4.26 4.93
C GLY B 201 10.54 5.78 4.73
N ASP B 202 10.67 6.32 3.52
CA ASP B 202 10.65 7.80 3.31
C ASP B 202 9.34 8.29 2.68
N TYR B 203 8.69 7.48 1.86
CA TYR B 203 7.51 7.92 1.10
C TYR B 203 6.72 6.72 0.59
N ILE B 204 5.47 7.02 0.27
CA ILE B 204 4.58 6.13 -0.52
C ILE B 204 4.11 6.88 -1.77
N ILE B 205 4.21 6.24 -2.92
CA ILE B 205 3.66 6.82 -4.16
C ILE B 205 2.50 5.97 -4.60
N ARG B 206 1.36 6.64 -4.81
CA ARG B 206 0.15 6.06 -5.43
C ARG B 206 -0.02 6.80 -6.75
N ALA B 207 -0.08 6.11 -7.90
CA ALA B 207 -0.03 6.85 -9.18
C ALA B 207 -0.49 5.94 -10.31
N LYS B 208 -0.65 6.53 -11.48
CA LYS B 208 -0.99 5.80 -12.71
C LYS B 208 -0.26 6.46 -13.87
N THR B 209 0.42 5.64 -14.68
CA THR B 209 1.04 6.05 -15.96
C THR B 209 0.00 6.09 -17.10
N GLY B 210 0.31 6.89 -18.12
CA GLY B 210 -0.36 6.81 -19.41
C GLY B 210 0.56 7.20 -20.55
N TYR B 211 0.13 6.81 -21.74
CA TYR B 211 0.83 7.09 -23.02
C TYR B 211 -0.24 7.23 -24.09
N SER B 212 -0.49 8.47 -24.54
CA SER B 212 -1.44 8.82 -25.63
C SER B 212 -0.67 8.72 -26.93
N THR B 213 -0.94 7.67 -27.70
CA THR B 213 -0.16 7.22 -28.88
C THR B 213 -0.89 7.50 -30.20
N ARG B 214 -2.20 7.72 -30.21
CA ARG B 214 -3.04 7.70 -31.45
C ARG B 214 -3.08 9.10 -32.12
N ILE B 215 -3.31 10.14 -31.36
CA ILE B 215 -3.55 11.52 -31.87
C ILE B 215 -2.43 12.41 -31.36
N GLU B 216 -1.86 13.25 -32.21
CA GLU B 216 -0.83 14.22 -31.78
C GLU B 216 -1.49 15.24 -30.85
N PRO B 217 -0.77 15.80 -29.86
CA PRO B 217 0.62 15.47 -29.57
C PRO B 217 0.67 14.19 -28.75
N LYS B 218 1.51 13.24 -29.17
CA LYS B 218 1.77 11.98 -28.43
C LYS B 218 2.51 12.38 -27.14
N ILE B 219 1.94 11.98 -26.01
CA ILE B 219 2.42 12.43 -24.67
C ILE B 219 2.46 11.23 -23.72
N GLY B 220 3.30 11.34 -22.71
CA GLY B 220 3.32 10.45 -21.56
C GLY B 220 2.73 11.21 -20.37
N TRP B 221 2.02 10.48 -19.52
CA TRP B 221 1.43 10.98 -18.26
C TRP B 221 2.06 10.21 -17.09
N TRP B 222 2.20 10.90 -15.96
CA TRP B 222 2.26 10.25 -14.64
C TRP B 222 1.52 11.14 -13.66
N VAL B 223 0.49 10.60 -13.02
CA VAL B 223 -0.40 11.36 -12.11
C VAL B 223 -0.53 10.56 -10.82
N GLY B 224 -0.56 11.26 -9.70
CA GLY B 224 -0.75 10.62 -8.39
C GLY B 224 -0.36 11.56 -7.27
N TRP B 225 0.18 10.98 -6.21
CA TRP B 225 0.66 11.72 -5.03
C TRP B 225 1.75 10.95 -4.30
N VAL B 226 2.43 11.71 -3.45
CA VAL B 226 3.53 11.25 -2.57
C VAL B 226 3.02 11.47 -1.14
N GLU B 227 2.80 10.38 -0.41
CA GLU B 227 2.43 10.41 1.02
C GLU B 227 3.72 10.49 1.84
N LEU B 228 3.84 11.55 2.63
CA LEU B 228 4.89 11.72 3.66
C LEU B 228 4.23 11.53 5.03
N ASP B 229 5.04 11.46 6.07
CA ASP B 229 4.53 11.33 7.46
C ASP B 229 3.51 12.41 7.75
N ASP B 230 3.75 13.66 7.33
CA ASP B 230 3.10 14.90 7.84
CA ASP B 230 2.85 14.76 7.82
C ASP B 230 2.49 15.71 6.69
N ASN B 231 2.44 15.18 5.46
CA ASN B 231 1.91 15.96 4.33
C ASN B 231 1.64 15.02 3.14
N VAL B 232 0.95 15.55 2.14
CA VAL B 232 0.75 14.83 0.87
C VAL B 232 1.07 15.83 -0.24
N TRP B 233 1.87 15.42 -1.21
CA TRP B 233 2.18 16.19 -2.44
C TRP B 233 1.56 15.50 -3.64
N PHE B 234 0.54 16.13 -4.21
CA PHE B 234 -0.13 15.66 -5.46
C PHE B 234 0.75 16.07 -6.63
N PHE B 235 0.76 15.25 -7.67
CA PHE B 235 1.58 15.56 -8.85
C PHE B 235 0.80 15.14 -10.08
N ALA B 236 1.06 15.87 -11.14
CA ALA B 236 0.56 15.48 -12.47
C ALA B 236 1.54 16.03 -13.47
N MET B 237 2.05 15.15 -14.30
CA MET B 237 3.04 15.51 -15.34
C MET B 237 2.56 14.95 -16.67
N ASN B 238 2.70 15.75 -17.73
CA ASN B 238 2.73 15.18 -19.09
C ASN B 238 3.97 15.72 -19.83
N MET B 239 4.38 14.97 -20.85
CA MET B 239 5.56 15.33 -21.67
C MET B 239 5.36 14.80 -23.08
N ASP B 240 5.95 15.47 -24.04
CA ASP B 240 5.93 14.98 -25.43
C ASP B 240 6.68 13.65 -25.44
N MET B 241 6.13 12.67 -26.15
CA MET B 241 6.63 11.27 -26.19
C MET B 241 6.58 10.79 -27.64
N PRO B 242 7.44 11.33 -28.53
CA PRO B 242 7.40 10.95 -29.96
C PRO B 242 7.66 9.45 -30.21
N THR B 243 8.40 8.78 -29.34
CA THR B 243 8.64 7.31 -29.41
C THR B 243 8.58 6.72 -28.01
N SER B 244 8.33 5.41 -27.91
CA SER B 244 8.24 4.66 -26.63
C SER B 244 9.59 4.63 -25.89
N ASP B 245 10.70 5.01 -26.55
CA ASP B 245 12.07 5.11 -25.99
C ASP B 245 12.07 5.92 -24.69
N GLY B 246 11.29 7.01 -24.66
CA GLY B 246 11.37 8.01 -23.58
C GLY B 246 10.45 7.71 -22.40
N LEU B 247 9.77 6.57 -22.35
CA LEU B 247 8.65 6.39 -21.40
C LEU B 247 9.14 6.49 -19.95
N GLY B 248 10.38 6.10 -19.68
CA GLY B 248 10.98 6.08 -18.33
C GLY B 248 11.11 7.50 -17.79
N LEU B 249 11.15 8.48 -18.68
CA LEU B 249 11.31 9.88 -18.30
C LEU B 249 10.08 10.36 -17.53
N ARG B 250 8.90 9.73 -17.72
CA ARG B 250 7.68 10.20 -17.01
C ARG B 250 8.01 10.20 -15.51
N GLN B 251 8.44 9.06 -14.99
CA GLN B 251 8.80 8.91 -13.55
C GLN B 251 10.13 9.64 -13.25
N ALA B 252 11.14 9.53 -14.13
CA ALA B 252 12.50 10.05 -13.85
C ALA B 252 12.45 11.58 -13.69
N ILE B 253 11.79 12.27 -14.61
CA ILE B 253 11.71 13.75 -14.54
C ILE B 253 10.88 14.15 -13.31
N THR B 254 9.79 13.45 -13.04
CA THR B 254 8.92 13.76 -11.88
C THR B 254 9.80 13.64 -10.62
N LYS B 255 10.56 12.56 -10.51
CA LYS B 255 11.44 12.32 -9.33
C LYS B 255 12.56 13.39 -9.23
N GLU B 256 13.10 13.86 -10.36
CA GLU B 256 14.10 14.95 -10.35
C GLU B 256 13.47 16.18 -9.70
N VAL B 257 12.22 16.49 -10.03
CA VAL B 257 11.53 17.69 -9.45
C VAL B 257 11.24 17.42 -7.96
N LEU B 258 10.73 16.24 -7.61
CA LEU B 258 10.44 15.90 -6.19
C LEU B 258 11.73 16.02 -5.36
N LYS B 259 12.87 15.51 -5.88
CA LYS B 259 14.18 15.56 -5.16
C LYS B 259 14.65 17.03 -5.07
N GLN B 260 14.48 17.83 -6.12
CA GLN B 260 14.88 19.27 -6.12
C GLN B 260 14.06 19.97 -5.02
N GLU B 261 12.78 19.65 -4.86
CA GLU B 261 11.90 20.35 -3.90
C GLU B 261 12.00 19.73 -2.49
N LYS B 262 12.90 18.75 -2.30
CA LYS B 262 13.21 18.14 -0.99
C LYS B 262 12.01 17.33 -0.51
N ILE B 263 11.15 16.89 -1.43
CA ILE B 263 9.96 16.06 -1.09
C ILE B 263 10.40 14.62 -0.84
N ILE B 264 11.30 14.11 -1.65
CA ILE B 264 11.90 12.76 -1.47
C ILE B 264 13.41 12.97 -1.43
N PRO B 265 14.17 12.11 -0.73
CA PRO B 265 15.63 12.23 -0.65
C PRO B 265 16.41 12.02 -1.95
C4 QS8 C . 9.23 -0.35 20.27
C5 QS8 C . 10.28 -0.81 21.31
C6 QS8 C . 10.21 -2.34 21.47
O16 QS8 C . 8.40 -2.32 15.95
S13 QS8 C . 9.51 -2.32 16.91
O14 QS8 C . 10.26 -3.62 17.02
O15 QS8 C . 10.53 -1.36 16.38
O12 QS8 C . 8.92 -1.72 18.21
N11 QS8 C . 9.63 -0.73 18.85
C1 QS8 C . 8.85 -2.75 22.03
F10 QS8 C . 8.59 -2.12 23.25
C3 QS8 C . 7.85 -0.87 20.73
N2 QS8 C . 7.92 -2.34 20.98
C7 QS8 C . 7.27 -3.21 20.24
O8 QS8 C . 7.57 -4.35 19.98
C1 EDO D . 25.38 -8.59 12.10
O1 EDO D . 25.44 -9.86 11.47
C2 EDO D . 26.70 -7.91 12.11
O2 EDO D . 26.63 -6.50 11.95
C1 EDO E . -8.67 -18.46 6.77
O1 EDO E . -7.52 -18.10 6.03
C2 EDO E . -9.87 -17.76 6.24
O2 EDO E . -9.56 -16.52 5.63
C CO2 F . 3.63 -2.13 21.86
O1 CO2 F . 2.68 -1.90 21.22
O2 CO2 F . 4.58 -2.34 22.52
CL CL G . -2.20 0.24 0.36
C4 QS8 H . -0.59 0.74 -22.52
C5 QS8 H . -0.07 1.12 -23.92
C6 QS8 H . -0.27 2.61 -24.21
O16 QS8 H . 0.28 3.05 -18.29
S13 QS8 H . 1.01 2.83 -19.56
O14 QS8 H . 2.09 1.84 -19.28
O15 QS8 H . 1.72 4.04 -19.97
O12 QS8 H . 0.02 2.22 -20.61
N11 QS8 H . 0.37 1.15 -21.43
C1 QS8 H . -1.71 3.10 -23.98
F10 QS8 H . -2.55 2.62 -24.95
C3 QS8 H . -2.04 1.26 -22.37
N2 QS8 H . -2.11 2.70 -22.62
C7 QS8 H . -2.43 3.62 -21.69
O8 QS8 H . -1.87 4.69 -21.48
#